data_1P0P
#
_entry.id   1P0P
#
_cell.length_a   154.924
_cell.length_b   154.924
_cell.length_c   127.909
_cell.angle_alpha   90.00
_cell.angle_beta   90.00
_cell.angle_gamma   90.00
#
_symmetry.space_group_name_H-M   'I 4 2 2'
#
loop_
_entity.id
_entity.type
_entity.pdbx_description
1 polymer Cholinesterase
2 branched 2-acetamido-2-deoxy-beta-D-glucopyranose-(1-4)-[alpha-L-fucopyranose-(1-6)]2-acetamido-2-deoxy-beta-D-glucopyranose
3 non-polymer 2-acetamido-2-deoxy-beta-D-glucopyranose
4 non-polymer 'SULFATE ION'
5 non-polymer 'CHLORIDE ION'
6 non-polymer 'METHYLPHOSPHONIC ACID ESTER GROUP'
7 non-polymer 2-(BUTYRYLSULFANYL)-N,N,N-TRIMETHYLETHANAMINIUM
8 non-polymer GLYCEROL
9 water water
#
_entity_poly.entity_id   1
_entity_poly.type   'polypeptide(L)'
_entity_poly.pdbx_seq_one_letter_code
;EDDIIIATKNGKVRGMQLTVFGGTVTAFLGIPYAQPPLGRLRFKKPQSLTKWSDIWNATKYANSCCQNIDQSFPGFHGSE
MWNPNTDLSEDCLYLNVWIPAPKPKNATVLIWIYGGGFQTGTSSLHVYDGKFLARVERVIVVSMNYRVGALGFLALPGNP
EAPGNMGLFDQQLALQWVQKNIAAFGGNPKSVTLFGESAGAASVSLHLLSPGSHSLFTRAILQSGSFNAPWAVTSLYEAR
NRTLNLAKLTGCSRENETEIIKCLRNKDPQEILLNEAFVVPYGTPLSVNFGPTVDGDFLTDMPDILLELGQFKKTQILVG
VNKDEGTAFLVYGAPGFSKDNNSIITRKEFQEGLKIFFPGVSEFGKESILFHYTDWVDDQRPENYREALGDVVGDYNFIC
PALEFTKKFSEWGNNAFFYYFEHRSSKLPWPEWMGVMHGYEIEFVFGLPLERRDQYTKAEEILSRSIVKRWANFAKYGNP
QETQNQSTSWPVFKSTEQKYLTLNTESTRIMTKLRAQQCRFWTSFFPKV
;
_entity_poly.pdbx_strand_id   A
#
# COMPACT_ATOMS: atom_id res chain seq x y z
N ILE A 4 29.10 -3.31 11.48
CA ILE A 4 28.90 -4.76 11.70
C ILE A 4 28.75 -5.50 10.38
N ILE A 5 29.32 -6.71 10.30
CA ILE A 5 29.26 -7.51 9.08
C ILE A 5 28.46 -8.79 9.28
N ILE A 6 27.47 -8.98 8.42
CA ILE A 6 26.63 -10.17 8.48
C ILE A 6 26.87 -10.98 7.21
N ALA A 7 26.87 -12.30 7.35
CA ALA A 7 27.10 -13.18 6.22
C ALA A 7 25.77 -13.72 5.70
N THR A 8 25.46 -13.43 4.45
CA THR A 8 24.22 -13.90 3.85
C THR A 8 24.53 -14.97 2.83
N LYS A 9 23.49 -15.63 2.33
CA LYS A 9 23.66 -16.70 1.35
C LYS A 9 24.34 -16.26 0.06
N ASN A 10 24.29 -14.97 -0.24
CA ASN A 10 24.92 -14.47 -1.45
C ASN A 10 26.21 -13.69 -1.22
N GLY A 11 26.56 -13.50 0.04
CA GLY A 11 27.77 -12.76 0.34
C GLY A 11 27.69 -11.98 1.64
N LYS A 12 28.76 -11.26 1.96
CA LYS A 12 28.81 -10.49 3.19
C LYS A 12 28.27 -9.08 2.95
N VAL A 13 27.72 -8.49 4.00
CA VAL A 13 27.19 -7.13 3.90
C VAL A 13 27.51 -6.39 5.19
N ARG A 14 27.85 -5.10 5.05
CA ARG A 14 28.16 -4.28 6.20
C ARG A 14 27.04 -3.29 6.43
N GLY A 15 26.67 -3.09 7.69
CA GLY A 15 25.61 -2.15 8.01
C GLY A 15 26.18 -0.92 8.69
N MET A 16 25.31 -0.15 9.34
CA MET A 16 25.73 1.05 10.04
C MET A 16 24.98 1.13 11.36
N GLN A 17 25.61 1.75 12.35
CA GLN A 17 24.98 1.89 13.66
C GLN A 17 24.23 3.20 13.72
N LEU A 18 23.04 3.17 14.31
CA LEU A 18 22.22 4.38 14.43
C LEU A 18 21.86 4.61 15.88
N THR A 19 21.87 5.88 16.29
CA THR A 19 21.49 6.21 17.65
C THR A 19 20.03 6.58 17.68
N VAL A 20 19.24 5.82 18.45
CA VAL A 20 17.82 6.10 18.54
C VAL A 20 17.33 5.96 19.97
N PHE A 21 16.72 7.03 20.48
CA PHE A 21 16.18 7.08 21.83
C PHE A 21 17.15 6.55 22.89
N GLY A 22 18.34 7.14 22.93
CA GLY A 22 19.35 6.73 23.89
C GLY A 22 19.77 5.29 23.73
N GLY A 23 19.42 4.72 22.59
CA GLY A 23 19.77 3.34 22.32
C GLY A 23 20.46 3.28 20.97
N THR A 24 20.50 2.09 20.38
CA THR A 24 21.12 1.93 19.08
C THR A 24 20.46 0.88 18.21
N VAL A 25 20.35 1.18 16.92
CA VAL A 25 19.76 0.26 15.95
C VAL A 25 20.78 0.04 14.85
N THR A 26 20.82 -1.16 14.29
CA THR A 26 21.73 -1.48 13.21
C THR A 26 20.95 -1.54 11.90
N ALA A 27 21.33 -0.70 10.95
CA ALA A 27 20.64 -0.65 9.67
C ALA A 27 21.47 -1.13 8.49
N PHE A 28 20.84 -1.90 7.62
CA PHE A 28 21.49 -2.40 6.42
C PHE A 28 20.60 -1.87 5.31
N LEU A 29 20.95 -0.70 4.81
CA LEU A 29 20.20 -0.06 3.75
C LEU A 29 20.73 -0.43 2.37
N GLY A 30 19.81 -0.84 1.50
CA GLY A 30 20.19 -1.19 0.14
C GLY A 30 20.86 -2.51 -0.11
N ILE A 31 20.25 -3.61 0.34
CA ILE A 31 20.83 -4.92 0.07
C ILE A 31 20.16 -5.41 -1.22
N PRO A 32 20.96 -5.86 -2.20
CA PRO A 32 20.35 -6.33 -3.45
C PRO A 32 19.69 -7.69 -3.20
N TYR A 33 18.55 -7.94 -3.84
CA TYR A 33 17.89 -9.23 -3.65
C TYR A 33 17.52 -9.90 -4.98
N ALA A 34 17.96 -9.31 -6.08
CA ALA A 34 17.69 -9.88 -7.40
C ALA A 34 18.60 -9.24 -8.45
N GLN A 35 18.75 -9.93 -9.58
CA GLN A 35 19.58 -9.41 -10.64
C GLN A 35 18.87 -8.15 -11.17
N PRO A 36 19.64 -7.06 -11.42
CA PRO A 36 19.00 -5.85 -11.92
C PRO A 36 18.19 -6.19 -13.17
N PRO A 37 16.89 -5.85 -13.19
CA PRO A 37 16.01 -6.14 -14.33
C PRO A 37 16.28 -5.20 -15.50
N LEU A 38 17.49 -5.26 -16.04
CA LEU A 38 17.88 -4.40 -17.15
C LEU A 38 18.02 -5.13 -18.48
N GLY A 39 18.00 -4.36 -19.57
CA GLY A 39 18.14 -4.93 -20.90
C GLY A 39 17.09 -5.95 -21.25
N ARG A 40 17.54 -7.12 -21.64
CA ARG A 40 16.65 -8.21 -22.01
C ARG A 40 15.78 -8.62 -20.81
N LEU A 41 16.20 -8.23 -19.60
CA LEU A 41 15.44 -8.56 -18.40
C LEU A 41 14.27 -7.63 -18.11
N ARG A 42 14.24 -6.47 -18.77
CA ARG A 42 13.13 -5.55 -18.56
C ARG A 42 11.81 -6.24 -18.89
N PHE A 43 10.82 -6.08 -18.01
CA PHE A 43 9.49 -6.66 -18.16
C PHE A 43 9.40 -8.13 -17.75
N LYS A 44 10.54 -8.76 -17.48
CA LYS A 44 10.52 -10.16 -17.08
C LYS A 44 10.55 -10.31 -15.56
N LYS A 45 10.16 -11.49 -15.08
CA LYS A 45 10.15 -11.76 -13.66
C LYS A 45 11.58 -11.64 -13.13
N PRO A 46 11.74 -11.21 -11.87
CA PRO A 46 13.07 -11.05 -11.27
C PRO A 46 13.88 -12.35 -11.25
N GLN A 47 15.14 -12.25 -11.67
CA GLN A 47 16.05 -13.40 -11.70
C GLN A 47 16.86 -13.46 -10.42
N SER A 48 17.21 -14.68 -10.00
CA SER A 48 17.98 -14.86 -8.78
C SER A 48 19.31 -14.12 -8.84
N LEU A 49 19.70 -13.54 -7.71
CA LEU A 49 20.95 -12.79 -7.66
C LEU A 49 22.20 -13.64 -7.62
N THR A 50 23.21 -13.08 -8.27
CA THR A 50 24.53 -13.66 -8.46
C THR A 50 25.36 -13.42 -7.18
N LYS A 51 25.85 -14.48 -6.57
CA LYS A 51 26.63 -14.30 -5.33
C LYS A 51 27.92 -13.53 -5.57
N TRP A 52 28.31 -12.74 -4.56
CA TRP A 52 29.51 -11.91 -4.64
C TRP A 52 30.62 -12.19 -3.63
N SER A 53 31.77 -11.58 -3.86
CA SER A 53 32.95 -11.72 -3.00
C SER A 53 33.25 -10.30 -2.51
N ASP A 54 33.87 -10.21 -1.34
CA ASP A 54 34.20 -8.93 -0.71
C ASP A 54 32.96 -8.54 0.09
N ILE A 55 33.00 -7.41 0.77
CA ILE A 55 31.85 -6.98 1.56
C ILE A 55 31.01 -5.92 0.88
N TRP A 56 29.71 -6.20 0.80
CA TRP A 56 28.79 -5.24 0.20
C TRP A 56 28.40 -4.19 1.22
N ASN A 57 28.68 -2.94 0.86
CA ASN A 57 28.37 -1.84 1.74
C ASN A 57 26.91 -1.44 1.64
N ALA A 58 26.18 -1.80 2.68
CA ALA A 58 24.76 -1.52 2.76
C ALA A 58 24.57 -0.38 3.74
N THR A 59 25.13 0.77 3.38
CA THR A 59 25.08 1.94 4.24
C THR A 59 24.29 3.15 3.73
N LYS A 60 23.51 2.95 2.67
CA LYS A 60 22.70 4.04 2.12
C LYS A 60 21.56 3.43 1.31
N TYR A 61 20.44 4.15 1.25
CA TYR A 61 19.31 3.68 0.49
C TYR A 61 19.73 3.52 -0.97
N ALA A 62 19.17 2.52 -1.64
CA ALA A 62 19.51 2.29 -3.04
C ALA A 62 18.60 3.12 -3.95
N ASN A 63 18.73 2.90 -5.26
CA ASN A 63 17.91 3.62 -6.22
C ASN A 63 16.45 3.25 -6.07
N SER A 64 15.57 4.19 -6.41
CA SER A 64 14.15 3.94 -6.38
C SER A 64 13.82 3.58 -7.81
N CYS A 65 12.80 2.76 -8.02
CA CYS A 65 12.40 2.34 -9.35
C CYS A 65 11.83 3.50 -10.17
N CYS A 66 12.01 3.43 -11.48
CA CYS A 66 11.52 4.47 -12.38
C CYS A 66 10.03 4.71 -12.17
N GLN A 67 9.64 5.97 -12.10
CA GLN A 67 8.25 6.32 -11.86
C GLN A 67 8.00 7.80 -12.13
N ASN A 68 6.79 8.14 -12.55
CA ASN A 68 6.47 9.54 -12.76
C ASN A 68 6.33 10.12 -11.37
N ILE A 69 6.64 11.40 -11.22
CA ILE A 69 6.57 12.06 -9.92
C ILE A 69 5.41 13.03 -9.84
N ASP A 70 4.88 13.20 -8.64
CA ASP A 70 3.78 14.13 -8.42
C ASP A 70 4.32 15.56 -8.49
N GLN A 71 3.78 16.35 -9.41
CA GLN A 71 4.21 17.74 -9.60
C GLN A 71 3.06 18.72 -9.51
N SER A 72 1.99 18.32 -8.86
CA SER A 72 0.84 19.19 -8.75
C SER A 72 1.03 20.33 -7.76
N PHE A 73 2.01 20.20 -6.87
CA PHE A 73 2.26 21.24 -5.87
C PHE A 73 3.75 21.41 -5.56
N PRO A 74 4.53 21.92 -6.53
CA PRO A 74 5.96 22.11 -6.30
C PRO A 74 6.22 22.88 -5.00
N GLY A 75 7.22 22.43 -4.24
CA GLY A 75 7.56 23.08 -3.00
C GLY A 75 6.63 22.83 -1.83
N PHE A 76 5.58 22.04 -2.05
CA PHE A 76 4.62 21.73 -0.99
C PHE A 76 4.97 20.41 -0.32
N HIS A 77 5.22 20.44 0.98
CA HIS A 77 5.59 19.22 1.68
C HIS A 77 4.46 18.18 1.72
N GLY A 78 3.22 18.64 1.64
CA GLY A 78 2.10 17.73 1.67
C GLY A 78 2.18 16.66 0.60
N SER A 79 2.59 17.06 -0.59
CA SER A 79 2.70 16.12 -1.70
C SER A 79 4.12 15.64 -1.95
N GLU A 80 5.09 16.52 -1.76
CA GLU A 80 6.49 16.16 -2.00
C GLU A 80 7.05 15.11 -1.07
N MET A 81 6.48 15.00 0.14
CA MET A 81 6.94 13.99 1.10
C MET A 81 6.74 12.57 0.56
N TRP A 82 5.88 12.41 -0.45
CA TRP A 82 5.63 11.10 -1.03
C TRP A 82 6.48 10.83 -2.27
N ASN A 83 7.12 11.88 -2.79
CA ASN A 83 7.95 11.69 -3.97
C ASN A 83 9.25 10.98 -3.62
N PRO A 84 9.81 10.24 -4.58
CA PRO A 84 11.07 9.51 -4.33
C PRO A 84 12.15 10.45 -3.79
N ASN A 85 12.90 9.99 -2.79
CA ASN A 85 13.97 10.79 -2.20
C ASN A 85 15.29 10.11 -2.48
N THR A 86 15.32 9.36 -3.57
CA THR A 86 16.50 8.64 -3.99
C THR A 86 16.49 8.59 -5.52
N ASP A 87 17.68 8.56 -6.11
CA ASP A 87 17.82 8.49 -7.57
C ASP A 87 16.94 7.39 -8.16
N LEU A 88 16.24 7.72 -9.25
CA LEU A 88 15.40 6.73 -9.92
C LEU A 88 16.28 5.92 -10.87
N SER A 89 15.96 4.65 -11.05
CA SER A 89 16.75 3.80 -11.92
C SER A 89 16.03 2.46 -12.10
N GLU A 90 16.31 1.78 -13.20
CA GLU A 90 15.71 0.47 -13.43
C GLU A 90 16.39 -0.50 -12.48
N ASP A 91 17.62 -0.17 -12.08
CA ASP A 91 18.37 -0.99 -11.15
C ASP A 91 17.87 -0.52 -9.79
N CYS A 92 16.79 -1.14 -9.33
CA CYS A 92 16.17 -0.73 -8.06
C CYS A 92 15.69 -1.86 -7.15
N LEU A 93 16.02 -3.10 -7.46
CA LEU A 93 15.59 -4.22 -6.62
C LEU A 93 16.48 -4.42 -5.40
N TYR A 94 16.27 -3.59 -4.39
CA TYR A 94 17.03 -3.64 -3.15
C TYR A 94 16.05 -3.62 -1.97
N LEU A 95 16.54 -3.99 -0.79
CA LEU A 95 15.72 -3.98 0.40
C LEU A 95 16.50 -3.45 1.58
N ASN A 96 15.78 -3.10 2.65
CA ASN A 96 16.41 -2.56 3.84
C ASN A 96 16.09 -3.41 5.06
N VAL A 97 17.00 -3.40 6.03
CA VAL A 97 16.83 -4.16 7.25
C VAL A 97 17.24 -3.36 8.46
N TRP A 98 16.35 -3.31 9.46
CA TRP A 98 16.65 -2.61 10.70
C TRP A 98 16.55 -3.67 11.78
N ILE A 99 17.66 -3.90 12.48
CA ILE A 99 17.64 -4.90 13.54
C ILE A 99 18.00 -4.24 14.86
N PRO A 100 17.39 -4.71 15.96
CA PRO A 100 17.69 -4.12 17.27
C PRO A 100 19.14 -4.39 17.66
N ALA A 101 19.62 -3.63 18.63
CA ALA A 101 20.97 -3.78 19.13
C ALA A 101 20.84 -3.70 20.65
N PRO A 102 21.44 -4.66 21.37
CA PRO A 102 22.21 -5.77 20.79
C PRO A 102 21.39 -6.69 19.90
N LYS A 103 22.09 -7.35 18.98
CA LYS A 103 21.48 -8.28 18.04
C LYS A 103 20.49 -9.20 18.75
N PRO A 104 19.27 -9.33 18.22
CA PRO A 104 18.25 -10.19 18.82
C PRO A 104 18.60 -11.66 18.51
N LYS A 105 17.89 -12.59 19.13
CA LYS A 105 18.17 -14.00 18.90
C LYS A 105 17.15 -14.71 18.01
N ASN A 106 15.90 -14.27 18.07
CA ASN A 106 14.85 -14.90 17.28
C ASN A 106 13.67 -13.92 17.28
N ALA A 107 13.90 -12.74 16.73
CA ALA A 107 12.88 -11.68 16.70
C ALA A 107 11.87 -11.81 15.59
N THR A 108 10.68 -11.26 15.84
CA THR A 108 9.61 -11.27 14.86
C THR A 108 9.98 -10.26 13.77
N VAL A 109 9.60 -10.56 12.52
CA VAL A 109 9.93 -9.69 11.40
C VAL A 109 8.73 -8.98 10.79
N LEU A 110 8.88 -7.67 10.60
CA LEU A 110 7.84 -6.84 10.00
C LEU A 110 8.30 -6.43 8.62
N ILE A 111 7.58 -6.85 7.59
CA ILE A 111 7.94 -6.51 6.24
C ILE A 111 6.97 -5.50 5.64
N TRP A 112 7.48 -4.29 5.39
CA TRP A 112 6.68 -3.22 4.82
C TRP A 112 6.61 -3.20 3.28
N ILE A 113 5.43 -2.94 2.76
CA ILE A 113 5.20 -2.83 1.32
C ILE A 113 4.50 -1.51 1.08
N TYR A 114 5.22 -0.54 0.56
CA TYR A 114 4.65 0.80 0.32
C TYR A 114 3.55 0.85 -0.72
N GLY A 115 2.71 1.88 -0.62
CA GLY A 115 1.65 2.07 -1.56
C GLY A 115 2.08 3.07 -2.62
N GLY A 116 1.13 3.51 -3.44
CA GLY A 116 1.43 4.44 -4.50
C GLY A 116 0.70 4.01 -5.75
N GLY A 117 -0.44 3.33 -5.58
CA GLY A 117 -1.23 2.92 -6.72
C GLY A 117 -0.52 2.02 -7.71
N PHE A 118 0.50 1.30 -7.26
CA PHE A 118 1.27 0.43 -8.13
C PHE A 118 1.97 1.22 -9.23
N GLN A 119 2.01 2.55 -9.13
CA GLN A 119 2.67 3.37 -10.15
C GLN A 119 3.84 4.14 -9.55
N THR A 120 3.79 4.37 -8.23
CA THR A 120 4.84 5.13 -7.57
C THR A 120 5.19 4.57 -6.20
N GLY A 121 6.13 5.22 -5.53
CA GLY A 121 6.49 4.79 -4.22
C GLY A 121 7.91 4.28 -4.11
N THR A 122 8.43 4.25 -2.88
CA THR A 122 9.78 3.74 -2.63
C THR A 122 9.90 3.51 -1.13
N SER A 123 10.78 2.60 -0.74
CA SER A 123 10.95 2.26 0.67
C SER A 123 11.90 3.17 1.45
N SER A 124 12.49 4.15 0.77
CA SER A 124 13.42 5.05 1.41
C SER A 124 12.73 6.29 1.97
N LEU A 125 11.40 6.37 1.85
CA LEU A 125 10.72 7.55 2.36
C LEU A 125 10.94 7.70 3.85
N HIS A 126 10.93 8.94 4.32
CA HIS A 126 11.15 9.26 5.70
C HIS A 126 10.10 8.61 6.62
N VAL A 127 8.85 8.59 6.18
CA VAL A 127 7.78 7.98 6.97
C VAL A 127 7.79 6.46 7.02
N TYR A 128 8.74 5.82 6.32
CA TYR A 128 8.84 4.36 6.34
C TYR A 128 10.12 3.92 7.03
N ASP A 129 10.77 4.84 7.75
CA ASP A 129 12.03 4.50 8.45
C ASP A 129 11.70 3.50 9.54
N GLY A 130 12.24 2.29 9.42
CA GLY A 130 11.98 1.27 10.41
C GLY A 130 12.78 1.26 11.70
N LYS A 131 13.71 2.20 11.87
CA LYS A 131 14.55 2.23 13.06
C LYS A 131 13.82 2.45 14.37
N PHE A 132 12.68 3.14 14.33
CA PHE A 132 11.93 3.38 15.56
C PHE A 132 11.31 2.09 16.06
N LEU A 133 10.74 1.30 15.15
CA LEU A 133 10.12 0.04 15.54
C LEU A 133 11.17 -0.95 16.03
N ALA A 134 12.32 -0.96 15.37
CA ALA A 134 13.40 -1.86 15.74
C ALA A 134 13.86 -1.52 17.16
N ARG A 135 13.86 -0.23 17.46
CA ARG A 135 14.27 0.26 18.77
C ARG A 135 13.23 0.01 19.87
N VAL A 136 12.03 0.54 19.68
CA VAL A 136 10.97 0.45 20.66
C VAL A 136 10.33 -0.92 20.92
N GLU A 137 10.19 -1.74 19.89
CA GLU A 137 9.56 -3.04 20.04
C GLU A 137 10.48 -4.24 19.85
N ARG A 138 11.75 -3.97 19.56
CA ARG A 138 12.74 -5.03 19.34
C ARG A 138 12.35 -6.00 18.24
N VAL A 139 11.68 -5.49 17.21
CA VAL A 139 11.31 -6.33 16.08
C VAL A 139 12.26 -5.94 14.96
N ILE A 140 12.42 -6.83 13.99
CA ILE A 140 13.26 -6.57 12.85
C ILE A 140 12.35 -6.01 11.77
N VAL A 141 12.75 -4.89 11.16
CA VAL A 141 11.94 -4.28 10.13
C VAL A 141 12.60 -4.40 8.76
N VAL A 142 11.86 -4.92 7.80
CA VAL A 142 12.35 -5.07 6.43
C VAL A 142 11.40 -4.36 5.49
N SER A 143 11.95 -3.75 4.45
CA SER A 143 11.15 -3.06 3.45
C SER A 143 11.91 -3.21 2.14
N MET A 144 11.18 -3.23 1.02
CA MET A 144 11.83 -3.41 -0.27
C MET A 144 11.25 -2.52 -1.36
N ASN A 145 12.01 -2.35 -2.43
CA ASN A 145 11.57 -1.58 -3.58
C ASN A 145 11.10 -2.62 -4.59
N TYR A 146 9.99 -2.35 -5.27
CA TYR A 146 9.51 -3.26 -6.28
C TYR A 146 9.13 -2.43 -7.49
N ARG A 147 9.30 -2.97 -8.68
CA ARG A 147 8.97 -2.24 -9.90
C ARG A 147 7.52 -1.78 -9.93
N VAL A 148 7.31 -0.56 -10.38
CA VAL A 148 5.98 0.01 -10.47
C VAL A 148 5.68 0.52 -11.88
N GLY A 149 4.42 0.85 -12.15
CA GLY A 149 4.05 1.32 -13.48
C GLY A 149 4.20 0.22 -14.50
N ALA A 150 4.34 0.61 -15.78
CA ALA A 150 4.46 -0.34 -16.86
C ALA A 150 5.66 -1.25 -16.67
N LEU A 151 6.74 -0.71 -16.13
CA LEU A 151 7.94 -1.52 -15.91
C LEU A 151 7.70 -2.68 -14.96
N GLY A 152 6.67 -2.58 -14.12
CA GLY A 152 6.40 -3.64 -13.18
C GLY A 152 5.09 -4.39 -13.37
N PHE A 153 4.18 -3.85 -14.18
CA PHE A 153 2.91 -4.51 -14.38
C PHE A 153 2.41 -4.62 -15.81
N LEU A 154 3.26 -4.26 -16.79
CA LEU A 154 2.88 -4.38 -18.19
C LEU A 154 2.39 -5.82 -18.36
N ALA A 155 1.17 -5.99 -18.88
CA ALA A 155 0.63 -7.34 -19.01
C ALA A 155 0.38 -7.82 -20.42
N LEU A 156 0.85 -9.04 -20.67
CA LEU A 156 0.69 -9.74 -21.94
C LEU A 156 0.59 -11.18 -21.43
N PRO A 157 -0.56 -11.53 -20.81
CA PRO A 157 -0.85 -12.85 -20.24
C PRO A 157 -0.36 -14.06 -21.02
N GLY A 158 0.40 -14.90 -20.34
CA GLY A 158 0.94 -16.11 -20.94
C GLY A 158 2.29 -15.90 -21.60
N ASN A 159 2.67 -14.65 -21.79
CA ASN A 159 3.95 -14.32 -22.43
C ASN A 159 5.04 -13.98 -21.41
N PRO A 160 6.04 -14.87 -21.26
CA PRO A 160 7.15 -14.69 -20.32
C PRO A 160 7.96 -13.41 -20.51
N GLU A 161 7.73 -12.73 -21.63
CA GLU A 161 8.44 -11.49 -21.92
C GLU A 161 7.82 -10.31 -21.19
N ALA A 162 6.52 -10.40 -20.91
CA ALA A 162 5.77 -9.37 -20.20
C ALA A 162 4.50 -10.07 -19.70
N PRO A 163 4.65 -10.96 -18.70
CA PRO A 163 3.55 -11.72 -18.12
C PRO A 163 2.61 -10.98 -17.19
N GLY A 164 3.08 -9.88 -16.61
CA GLY A 164 2.27 -9.11 -15.71
C GLY A 164 2.66 -9.44 -14.27
N ASN A 165 2.30 -8.55 -13.34
CA ASN A 165 2.59 -8.76 -11.93
C ASN A 165 4.08 -8.88 -11.58
N MET A 166 4.96 -8.37 -12.44
CA MET A 166 6.39 -8.46 -12.17
C MET A 166 6.71 -7.83 -10.81
N GLY A 167 6.07 -6.69 -10.51
CA GLY A 167 6.30 -6.02 -9.24
C GLY A 167 5.92 -6.91 -8.06
N LEU A 168 4.82 -7.65 -8.20
CA LEU A 168 4.39 -8.55 -7.15
C LEU A 168 5.43 -9.66 -6.99
N PHE A 169 6.01 -10.10 -8.10
CA PHE A 169 7.05 -11.13 -8.01
C PHE A 169 8.31 -10.55 -7.37
N ASP A 170 8.55 -9.26 -7.53
CA ASP A 170 9.73 -8.67 -6.90
C ASP A 170 9.50 -8.76 -5.39
N GLN A 171 8.31 -8.38 -4.94
CA GLN A 171 7.97 -8.43 -3.52
C GLN A 171 8.13 -9.86 -3.01
N GLN A 172 7.63 -10.81 -3.77
CA GLN A 172 7.72 -12.21 -3.39
C GLN A 172 9.16 -12.70 -3.28
N LEU A 173 10.00 -12.27 -4.21
CA LEU A 173 11.39 -12.66 -4.19
C LEU A 173 12.04 -12.04 -2.96
N ALA A 174 11.60 -10.85 -2.60
CA ALA A 174 12.13 -10.20 -1.40
C ALA A 174 11.71 -10.97 -0.15
N LEU A 175 10.48 -11.47 -0.14
CA LEU A 175 10.01 -12.24 1.01
C LEU A 175 10.82 -13.54 1.11
N GLN A 176 11.21 -14.09 -0.03
CA GLN A 176 11.98 -15.32 -0.05
C GLN A 176 13.35 -15.04 0.53
N TRP A 177 13.87 -13.86 0.23
CA TRP A 177 15.19 -13.45 0.72
C TRP A 177 15.17 -13.49 2.24
N VAL A 178 14.10 -12.99 2.83
CA VAL A 178 13.98 -12.97 4.28
C VAL A 178 13.94 -14.40 4.84
N GLN A 179 13.21 -15.28 4.15
CA GLN A 179 13.13 -16.67 4.57
C GLN A 179 14.51 -17.31 4.65
N LYS A 180 15.32 -17.08 3.63
CA LYS A 180 16.65 -17.65 3.55
C LYS A 180 17.77 -16.90 4.26
N ASN A 181 17.55 -15.64 4.62
CA ASN A 181 18.61 -14.87 5.24
C ASN A 181 18.39 -14.20 6.58
N ILE A 182 17.14 -13.98 6.96
CA ILE A 182 16.84 -13.27 8.19
C ILE A 182 17.35 -13.89 9.48
N ALA A 183 17.54 -15.21 9.49
CA ALA A 183 18.04 -15.87 10.68
C ALA A 183 19.45 -15.36 10.99
N ALA A 184 20.20 -15.05 9.94
CA ALA A 184 21.56 -14.54 10.09
C ALA A 184 21.55 -13.18 10.81
N PHE A 185 20.49 -12.41 10.65
CA PHE A 185 20.38 -11.10 11.30
C PHE A 185 19.68 -11.22 12.64
N GLY A 186 19.47 -12.45 13.09
CA GLY A 186 18.82 -12.67 14.38
C GLY A 186 17.31 -12.63 14.28
N GLY A 187 16.78 -12.83 13.08
CA GLY A 187 15.35 -12.81 12.89
C GLY A 187 14.74 -14.20 12.86
N ASN A 188 13.42 -14.28 12.99
CA ASN A 188 12.72 -15.56 12.98
C ASN A 188 11.87 -15.70 11.71
N PRO A 189 12.35 -16.47 10.72
CA PRO A 189 11.60 -16.66 9.48
C PRO A 189 10.21 -17.29 9.69
N LYS A 190 9.98 -17.87 10.87
CA LYS A 190 8.69 -18.47 11.18
C LYS A 190 7.71 -17.45 11.75
N SER A 191 8.20 -16.23 12.02
CA SER A 191 7.34 -15.19 12.55
C SER A 191 7.51 -13.90 11.74
N VAL A 192 6.96 -13.92 10.53
CA VAL A 192 7.03 -12.77 9.62
C VAL A 192 5.64 -12.18 9.37
N THR A 193 5.49 -10.90 9.67
CA THR A 193 4.22 -10.22 9.45
C THR A 193 4.38 -9.19 8.33
N LEU A 194 3.50 -9.28 7.34
CA LEU A 194 3.56 -8.33 6.23
C LEU A 194 2.59 -7.21 6.53
N PHE A 195 2.99 -5.97 6.22
CA PHE A 195 2.09 -4.84 6.38
C PHE A 195 2.40 -3.80 5.32
N GLY A 196 1.35 -3.11 4.88
CA GLY A 196 1.49 -2.12 3.85
C GLY A 196 0.27 -1.23 3.80
N GLU A 197 0.36 -0.12 3.08
CA GLU A 197 -0.75 0.82 2.98
C GLU A 197 -1.17 1.03 1.53
N SER A 198 -2.47 1.18 1.31
CA SER A 198 -3.04 1.41 -0.01
C SER A 198 -2.65 0.29 -0.99
N ALA A 199 -1.94 0.62 -2.07
CA ALA A 199 -1.53 -0.42 -3.01
C ALA A 199 -0.67 -1.45 -2.28
N GLY A 200 0.04 -0.99 -1.25
CA GLY A 200 0.86 -1.89 -0.47
C GLY A 200 -0.05 -2.89 0.23
N ALA A 201 -1.15 -2.40 0.79
CA ALA A 201 -2.11 -3.26 1.48
C ALA A 201 -2.74 -4.21 0.46
N ALA A 202 -3.13 -3.68 -0.69
CA ALA A 202 -3.72 -4.53 -1.71
C ALA A 202 -2.69 -5.61 -2.06
N SER A 203 -1.42 -5.23 -2.07
CA SER A 203 -0.38 -6.21 -2.37
C SER A 203 -0.40 -7.30 -1.32
N VAL A 204 -0.42 -6.90 -0.05
CA VAL A 204 -0.43 -7.85 1.05
C VAL A 204 -1.61 -8.82 0.88
N SER A 205 -2.79 -8.29 0.62
CA SER A 205 -3.95 -9.13 0.45
C SER A 205 -3.77 -10.13 -0.70
N LEU A 206 -3.04 -9.74 -1.74
CA LEU A 206 -2.82 -10.63 -2.89
C LEU A 206 -1.85 -11.74 -2.53
N HIS A 207 -0.94 -11.46 -1.58
CA HIS A 207 0.00 -12.47 -1.13
C HIS A 207 -0.77 -13.50 -0.29
N LEU A 208 -1.88 -13.07 0.32
CA LEU A 208 -2.71 -13.98 1.10
C LEU A 208 -3.41 -14.92 0.11
N LEU A 209 -3.53 -14.50 -1.15
CA LEU A 209 -4.17 -15.31 -2.16
C LEU A 209 -3.22 -16.11 -3.03
N SER A 210 -1.96 -15.69 -3.09
CA SER A 210 -1.00 -16.39 -3.93
C SER A 210 -0.35 -17.59 -3.26
N PRO A 211 -0.58 -18.79 -3.80
CA PRO A 211 0.00 -20.02 -3.26
C PRO A 211 1.51 -19.90 -3.08
N GLY A 212 2.17 -19.29 -4.07
CA GLY A 212 3.60 -19.12 -4.01
C GLY A 212 4.10 -18.28 -2.85
N SER A 213 3.20 -17.58 -2.17
CA SER A 213 3.58 -16.72 -1.05
C SER A 213 3.13 -17.29 0.29
N HIS A 214 2.25 -18.29 0.25
N HIS A 214 2.25 -18.28 0.26
CA HIS A 214 1.71 -18.89 1.47
CA HIS A 214 1.72 -18.89 1.47
C HIS A 214 2.75 -19.19 2.55
C HIS A 214 2.75 -19.19 2.55
N SER A 215 3.85 -19.83 2.17
CA SER A 215 4.89 -20.18 3.12
C SER A 215 5.95 -19.11 3.37
N LEU A 216 5.74 -17.90 2.86
CA LEU A 216 6.71 -16.84 3.03
C LEU A 216 6.38 -15.84 4.14
N PHE A 217 5.25 -16.02 4.81
CA PHE A 217 4.87 -15.13 5.91
C PHE A 217 3.84 -15.74 6.84
N THR A 218 3.68 -15.12 8.00
CA THR A 218 2.76 -15.61 9.03
C THR A 218 1.43 -14.86 9.10
N ARG A 219 1.51 -13.54 9.26
CA ARG A 219 0.32 -12.72 9.39
C ARG A 219 0.33 -11.54 8.43
N ALA A 220 -0.78 -10.80 8.41
CA ALA A 220 -0.92 -9.66 7.51
C ALA A 220 -1.68 -8.48 8.11
N ILE A 221 -1.19 -7.28 7.81
CA ILE A 221 -1.80 -6.03 8.26
C ILE A 221 -2.10 -5.23 6.99
N LEU A 222 -3.36 -4.83 6.82
CA LEU A 222 -3.77 -4.08 5.65
C LEU A 222 -4.34 -2.71 6.01
N GLN A 223 -3.58 -1.66 5.76
CA GLN A 223 -4.02 -0.29 6.06
C GLN A 223 -4.53 0.43 4.82
N SER A 224 -5.82 0.78 4.83
CA SER A 224 -6.46 1.48 3.71
C SER A 224 -6.24 0.83 2.34
N GLY A 225 -6.53 -0.46 2.23
CA GLY A 225 -6.35 -1.13 0.96
C GLY A 225 -6.59 -2.63 0.99
N SER A 226 -7.04 -3.17 -0.14
CA SER A 226 -7.29 -4.61 -0.31
C SER A 226 -7.49 -4.83 -1.80
N PHE A 227 -7.22 -6.05 -2.28
CA PHE A 227 -7.34 -6.32 -3.72
C PHE A 227 -8.72 -6.11 -4.33
N ASN A 228 -9.76 -6.16 -3.50
CA ASN A 228 -11.11 -6.00 -4.03
C ASN A 228 -11.48 -4.55 -4.19
N ALA A 229 -10.53 -3.65 -3.96
CA ALA A 229 -10.79 -2.22 -4.16
C ALA A 229 -10.98 -2.06 -5.67
N PRO A 230 -11.89 -1.16 -6.10
CA PRO A 230 -12.09 -1.00 -7.55
C PRO A 230 -10.86 -0.61 -8.38
N TRP A 231 -9.84 -0.06 -7.73
CA TRP A 231 -8.61 0.34 -8.42
C TRP A 231 -7.46 -0.67 -8.29
N ALA A 232 -7.67 -1.72 -7.49
CA ALA A 232 -6.62 -2.70 -7.23
C ALA A 232 -6.27 -3.75 -8.29
N VAL A 233 -7.23 -4.19 -9.09
CA VAL A 233 -6.92 -5.20 -10.10
C VAL A 233 -7.32 -4.76 -11.50
N THR A 234 -6.36 -4.76 -12.42
CA THR A 234 -6.62 -4.39 -13.80
C THR A 234 -7.22 -5.58 -14.54
N SER A 235 -8.35 -5.34 -15.21
CA SER A 235 -9.01 -6.41 -15.96
C SER A 235 -8.15 -6.83 -17.15
N LEU A 236 -8.33 -8.07 -17.60
CA LEU A 236 -7.58 -8.60 -18.73
C LEU A 236 -7.83 -7.74 -19.98
N TYR A 237 -9.03 -7.20 -20.09
CA TYR A 237 -9.38 -6.38 -21.24
C TYR A 237 -8.63 -5.05 -21.16
N GLU A 238 -8.69 -4.43 -19.98
CA GLU A 238 -7.99 -3.16 -19.77
C GLU A 238 -6.50 -3.32 -20.03
N ALA A 239 -5.90 -4.35 -19.45
CA ALA A 239 -4.47 -4.59 -19.61
C ALA A 239 -4.10 -4.64 -21.10
N ARG A 240 -4.88 -5.41 -21.86
CA ARG A 240 -4.66 -5.58 -23.28
C ARG A 240 -4.75 -4.23 -24.01
N ASN A 241 -5.83 -3.49 -23.78
CA ASN A 241 -6.01 -2.20 -24.42
C ASN A 241 -4.93 -1.21 -24.02
N ARG A 242 -4.33 -1.41 -22.85
CA ARG A 242 -3.31 -0.51 -22.37
C ARG A 242 -1.93 -0.86 -22.89
N THR A 243 -1.63 -2.16 -22.94
CA THR A 243 -0.35 -2.61 -23.45
C THR A 243 -0.24 -2.17 -24.92
N LEU A 244 -1.34 -2.31 -25.66
CA LEU A 244 -1.36 -1.92 -27.06
C LEU A 244 -1.30 -0.41 -27.25
N ASN A 245 -2.07 0.33 -26.44
CA ASN A 245 -2.07 1.78 -26.52
C ASN A 245 -0.66 2.32 -26.23
N LEU A 246 0.07 1.65 -25.34
CA LEU A 246 1.42 2.08 -25.01
C LEU A 246 2.31 1.76 -26.21
N ALA A 247 2.02 0.65 -26.89
CA ALA A 247 2.77 0.25 -28.06
C ALA A 247 2.64 1.33 -29.13
N LYS A 248 1.41 1.67 -29.47
CA LYS A 248 1.17 2.68 -30.49
C LYS A 248 1.83 4.01 -30.13
N LEU A 249 1.74 4.40 -28.86
CA LEU A 249 2.31 5.67 -28.41
C LEU A 249 3.83 5.74 -28.49
N THR A 250 4.50 4.58 -28.53
CA THR A 250 5.95 4.56 -28.61
C THR A 250 6.39 4.01 -29.95
N GLY A 251 5.46 3.97 -30.91
CA GLY A 251 5.78 3.45 -32.22
C GLY A 251 6.34 2.04 -32.16
N CYS A 252 5.70 1.20 -31.36
CA CYS A 252 6.13 -0.18 -31.19
C CYS A 252 5.08 -1.19 -31.62
N SER A 253 3.99 -0.71 -32.20
CA SER A 253 2.92 -1.59 -32.65
C SER A 253 3.47 -2.59 -33.67
N ARG A 254 3.18 -3.87 -33.45
CA ARG A 254 3.64 -4.93 -34.35
C ARG A 254 2.52 -5.92 -34.65
N ASN A 256 3.35 -9.81 -34.04
CA ASN A 256 4.02 -10.64 -33.04
C ASN A 256 4.18 -9.86 -31.73
N GLU A 257 3.33 -10.19 -30.76
CA GLU A 257 3.36 -9.52 -29.46
C GLU A 257 4.74 -9.56 -28.84
N THR A 258 5.51 -10.59 -29.15
CA THR A 258 6.85 -10.71 -28.59
C THR A 258 7.76 -9.62 -29.17
N GLU A 259 7.54 -9.27 -30.44
CA GLU A 259 8.35 -8.23 -31.06
C GLU A 259 8.00 -6.89 -30.45
N ILE A 260 6.77 -6.75 -29.96
CA ILE A 260 6.35 -5.50 -29.34
C ILE A 260 7.20 -5.26 -28.09
N ILE A 261 7.45 -6.32 -27.34
CA ILE A 261 8.24 -6.22 -26.13
C ILE A 261 9.69 -5.94 -26.46
N LYS A 262 10.19 -6.56 -27.51
CA LYS A 262 11.57 -6.37 -27.94
C LYS A 262 11.77 -4.89 -28.28
N CYS A 263 10.76 -4.31 -28.92
CA CYS A 263 10.77 -2.91 -29.30
C CYS A 263 10.77 -2.03 -28.05
N LEU A 264 9.86 -2.34 -27.12
CA LEU A 264 9.74 -1.58 -25.88
C LEU A 264 11.00 -1.70 -25.02
N ARG A 265 11.75 -2.78 -25.19
CA ARG A 265 12.97 -2.97 -24.42
C ARG A 265 14.12 -2.12 -24.93
N ASN A 266 13.92 -1.46 -26.07
CA ASN A 266 14.96 -0.60 -26.63
C ASN A 266 14.65 0.85 -26.27
N LYS A 267 13.40 1.10 -25.93
CA LYS A 267 12.95 2.44 -25.55
C LYS A 267 13.60 2.87 -24.24
N ASP A 268 13.78 4.18 -24.08
CA ASP A 268 14.37 4.70 -22.85
C ASP A 268 13.28 4.80 -21.78
N PRO A 269 13.61 4.44 -20.54
CA PRO A 269 12.69 4.47 -19.41
C PRO A 269 11.77 5.69 -19.45
N GLN A 270 12.34 6.84 -19.79
CA GLN A 270 11.55 8.06 -19.83
C GLN A 270 10.49 8.00 -20.94
N GLU A 271 10.86 7.52 -22.11
CA GLU A 271 9.87 7.46 -23.18
C GLU A 271 8.67 6.64 -22.70
N ILE A 272 8.94 5.58 -21.94
CA ILE A 272 7.89 4.73 -21.42
C ILE A 272 7.09 5.45 -20.34
N LEU A 273 7.77 6.09 -19.40
CA LEU A 273 7.07 6.80 -18.34
C LEU A 273 6.20 7.91 -18.89
N LEU A 274 6.73 8.63 -19.86
CA LEU A 274 6.01 9.75 -20.48
C LEU A 274 4.69 9.31 -21.12
N ASN A 275 4.68 8.12 -21.70
CA ASN A 275 3.48 7.65 -22.37
C ASN A 275 2.48 6.85 -21.54
N GLU A 276 2.90 6.41 -20.35
CA GLU A 276 2.03 5.64 -19.47
C GLU A 276 0.77 6.42 -19.12
N ALA A 277 0.93 7.73 -18.96
CA ALA A 277 -0.18 8.60 -18.59
C ALA A 277 -1.31 8.75 -19.60
N PHE A 278 -1.09 8.37 -20.85
CA PHE A 278 -2.16 8.52 -21.85
C PHE A 278 -2.75 7.21 -22.34
N VAL A 279 -2.34 6.09 -21.73
CA VAL A 279 -2.85 4.79 -22.14
C VAL A 279 -4.35 4.67 -21.90
N VAL A 280 -4.85 5.39 -20.89
CA VAL A 280 -6.26 5.38 -20.56
C VAL A 280 -6.95 6.63 -21.09
N PRO A 281 -8.00 6.47 -21.90
CA PRO A 281 -8.71 7.63 -22.46
C PRO A 281 -9.17 8.63 -21.39
N TYR A 282 -9.90 8.15 -20.39
CA TYR A 282 -10.39 9.01 -19.30
C TYR A 282 -10.14 8.32 -17.96
N GLY A 283 -8.95 8.52 -17.40
CA GLY A 283 -8.63 7.90 -16.13
C GLY A 283 -9.02 8.76 -14.93
N THR A 284 -9.11 8.12 -13.76
CA THR A 284 -9.47 8.85 -12.55
C THR A 284 -8.21 9.29 -11.80
N PRO A 285 -8.38 10.13 -10.77
CA PRO A 285 -7.24 10.59 -9.99
C PRO A 285 -6.46 9.47 -9.30
N LEU A 286 -7.03 8.28 -9.27
CA LEU A 286 -6.34 7.14 -8.65
C LEU A 286 -5.26 6.63 -9.62
N SER A 287 -5.51 6.85 -10.91
CA SER A 287 -4.60 6.52 -11.99
C SER A 287 -3.76 5.26 -11.90
N VAL A 288 -4.40 4.11 -11.72
CA VAL A 288 -3.67 2.85 -11.67
C VAL A 288 -3.65 2.33 -13.11
N ASN A 289 -2.88 2.97 -13.97
CA ASN A 289 -2.78 2.59 -15.37
C ASN A 289 -2.30 1.16 -15.58
N PHE A 290 -1.29 0.75 -14.81
CA PHE A 290 -0.73 -0.59 -14.91
C PHE A 290 -0.64 -1.24 -13.54
N GLY A 291 -1.56 -2.18 -13.26
CA GLY A 291 -1.55 -2.85 -11.97
C GLY A 291 -1.62 -4.35 -12.04
N PRO A 292 -1.89 -5.01 -10.90
CA PRO A 292 -1.98 -6.47 -10.87
C PRO A 292 -3.02 -6.98 -11.87
N THR A 293 -2.78 -8.15 -12.44
CA THR A 293 -3.74 -8.74 -13.36
C THR A 293 -3.79 -10.24 -13.11
N VAL A 294 -4.88 -10.87 -13.49
CA VAL A 294 -4.99 -12.32 -13.33
C VAL A 294 -4.05 -12.85 -14.41
N ASP A 295 -2.85 -13.24 -13.99
CA ASP A 295 -1.82 -13.71 -14.90
C ASP A 295 -1.76 -15.23 -15.07
N GLY A 296 -2.34 -15.96 -14.12
CA GLY A 296 -2.30 -17.40 -14.22
C GLY A 296 -1.04 -17.94 -13.58
N ASP A 297 -0.22 -17.05 -13.04
CA ASP A 297 1.00 -17.48 -12.37
C ASP A 297 0.91 -17.07 -10.91
N PHE A 298 0.97 -15.76 -10.65
CA PHE A 298 0.87 -15.23 -9.30
C PHE A 298 -0.59 -15.35 -8.83
N LEU A 299 -1.50 -15.01 -9.73
CA LEU A 299 -2.94 -15.09 -9.47
C LEU A 299 -3.51 -16.09 -10.46
N THR A 300 -4.14 -17.15 -9.97
CA THR A 300 -4.70 -18.19 -10.82
C THR A 300 -6.16 -18.03 -11.21
N ASP A 301 -6.83 -17.01 -10.70
CA ASP A 301 -8.23 -16.80 -11.02
C ASP A 301 -8.65 -15.43 -10.51
N MET A 302 -9.80 -14.93 -10.95
CA MET A 302 -10.26 -13.64 -10.47
C MET A 302 -10.28 -13.68 -8.94
N PRO A 303 -9.56 -12.74 -8.29
CA PRO A 303 -9.47 -12.63 -6.83
C PRO A 303 -10.81 -12.69 -6.10
N ASP A 304 -11.82 -12.03 -6.66
CA ASP A 304 -13.14 -12.03 -6.05
C ASP A 304 -13.65 -13.46 -5.87
N ILE A 305 -13.34 -14.32 -6.83
CA ILE A 305 -13.78 -15.71 -6.76
C ILE A 305 -13.05 -16.45 -5.65
N LEU A 306 -11.72 -16.27 -5.61
CA LEU A 306 -10.90 -16.93 -4.59
C LEU A 306 -11.27 -16.53 -3.17
N LEU A 307 -11.54 -15.23 -2.99
CA LEU A 307 -11.92 -14.71 -1.68
C LEU A 307 -13.26 -15.31 -1.27
N GLU A 308 -14.23 -15.23 -2.17
CA GLU A 308 -15.56 -15.73 -1.90
C GLU A 308 -15.61 -17.22 -1.57
N LEU A 309 -14.73 -18.00 -2.19
CA LEU A 309 -14.72 -19.44 -1.97
C LEU A 309 -13.69 -19.94 -0.97
N GLY A 310 -13.22 -19.04 -0.11
CA GLY A 310 -12.25 -19.41 0.91
C GLY A 310 -10.90 -19.90 0.44
N GLN A 311 -10.47 -19.52 -0.75
CA GLN A 311 -9.17 -19.96 -1.25
C GLN A 311 -8.08 -18.95 -0.93
N PHE A 312 -7.54 -19.02 0.28
CA PHE A 312 -6.48 -18.11 0.70
C PHE A 312 -5.83 -18.58 1.99
N LYS A 313 -4.63 -18.05 2.26
CA LYS A 313 -3.89 -18.40 3.46
C LYS A 313 -4.74 -18.14 4.70
N LYS A 314 -4.92 -19.16 5.52
CA LYS A 314 -5.72 -19.03 6.73
C LYS A 314 -4.85 -18.52 7.87
N THR A 315 -5.09 -17.29 8.30
CA THR A 315 -4.33 -16.70 9.38
C THR A 315 -5.07 -15.50 9.93
N GLN A 316 -4.46 -14.78 10.88
CA GLN A 316 -5.09 -13.60 11.44
C GLN A 316 -4.73 -12.39 10.58
N ILE A 317 -5.63 -11.43 10.50
CA ILE A 317 -5.36 -10.22 9.75
C ILE A 317 -5.79 -9.03 10.58
N LEU A 318 -5.17 -7.88 10.32
CA LEU A 318 -5.50 -6.66 11.01
C LEU A 318 -5.78 -5.73 9.83
N VAL A 319 -6.99 -5.19 9.78
CA VAL A 319 -7.41 -4.33 8.68
C VAL A 319 -8.01 -3.03 9.22
N GLY A 320 -7.84 -1.95 8.48
CA GLY A 320 -8.39 -0.68 8.91
C GLY A 320 -8.34 0.41 7.86
N VAL A 321 -8.99 1.53 8.15
CA VAL A 321 -9.05 2.66 7.23
C VAL A 321 -9.07 3.96 8.02
N ASN A 322 -8.87 5.06 7.31
CA ASN A 322 -8.86 6.37 7.94
C ASN A 322 -10.22 7.03 7.69
N LYS A 323 -10.59 7.96 8.58
CA LYS A 323 -11.87 8.66 8.51
C LYS A 323 -12.17 9.41 7.21
N ASP A 324 -11.15 10.04 6.62
CA ASP A 324 -11.36 10.81 5.40
C ASP A 324 -10.48 10.33 4.25
N GLU A 325 -10.55 9.04 3.96
CA GLU A 325 -9.75 8.43 2.88
C GLU A 325 -9.82 9.16 1.53
N GLY A 326 -11.01 9.60 1.15
CA GLY A 326 -11.20 10.24 -0.14
C GLY A 326 -10.77 11.67 -0.42
N THR A 327 -10.82 12.54 0.58
CA THR A 327 -10.47 13.95 0.41
C THR A 327 -9.20 14.24 -0.42
N ALA A 328 -8.13 13.53 -0.12
CA ALA A 328 -6.86 13.73 -0.82
C ALA A 328 -6.92 13.69 -2.34
N PHE A 329 -7.81 12.87 -2.89
CA PHE A 329 -7.89 12.77 -4.35
C PHE A 329 -8.71 13.88 -4.98
N LEU A 330 -9.46 14.62 -4.16
CA LEU A 330 -10.29 15.68 -4.70
C LEU A 330 -9.51 16.81 -5.37
N VAL A 331 -8.33 17.15 -4.82
CA VAL A 331 -7.55 18.22 -5.42
C VAL A 331 -6.72 17.77 -6.62
N TYR A 332 -6.91 16.55 -7.07
CA TYR A 332 -6.18 16.06 -8.24
C TYR A 332 -7.09 15.83 -9.42
N GLY A 333 -8.10 16.68 -9.58
CA GLY A 333 -9.00 16.50 -10.70
C GLY A 333 -10.40 17.04 -10.50
N ALA A 334 -10.89 17.01 -9.26
CA ALA A 334 -12.23 17.49 -8.97
C ALA A 334 -12.36 19.01 -9.11
N PRO A 335 -13.24 19.46 -10.02
CA PRO A 335 -13.44 20.90 -10.24
C PRO A 335 -13.99 21.60 -9.00
N GLY A 336 -13.49 22.80 -8.75
CA GLY A 336 -13.95 23.55 -7.59
C GLY A 336 -13.16 23.29 -6.33
N PHE A 337 -12.29 22.28 -6.34
CA PHE A 337 -11.50 21.96 -5.16
C PHE A 337 -10.11 22.59 -5.21
N SER A 338 -9.54 22.81 -4.03
CA SER A 338 -8.21 23.40 -3.92
C SER A 338 -7.73 23.29 -2.48
N LYS A 339 -6.44 23.03 -2.31
CA LYS A 339 -5.89 22.92 -0.98
C LYS A 339 -5.72 24.31 -0.37
N ASP A 340 -6.01 25.36 -1.14
CA ASP A 340 -5.84 26.71 -0.65
C ASP A 340 -7.11 27.48 -0.27
N ASN A 341 -8.25 26.81 -0.27
CA ASN A 341 -9.52 27.41 0.14
C ASN A 341 -10.45 26.32 0.66
N ASN A 342 -11.53 26.71 1.34
CA ASN A 342 -12.46 25.75 1.92
C ASN A 342 -13.19 24.86 0.91
N SER A 343 -12.91 25.06 -0.37
CA SER A 343 -13.52 24.26 -1.43
C SER A 343 -15.04 24.04 -1.35
N ILE A 344 -15.79 25.10 -1.04
CA ILE A 344 -17.24 24.97 -0.97
C ILE A 344 -17.76 24.83 -2.41
N ILE A 345 -18.14 23.62 -2.79
CA ILE A 345 -18.62 23.40 -4.15
C ILE A 345 -20.15 23.33 -4.27
N THR A 346 -20.63 23.40 -5.50
CA THR A 346 -22.07 23.34 -5.77
C THR A 346 -22.51 21.96 -6.22
N ARG A 347 -23.81 21.76 -6.34
CA ARG A 347 -24.38 20.50 -6.78
C ARG A 347 -23.84 20.17 -8.17
N LYS A 348 -23.74 21.20 -8.99
CA LYS A 348 -23.24 21.06 -10.36
C LYS A 348 -21.79 20.62 -10.38
N GLU A 349 -20.99 21.14 -9.45
CA GLU A 349 -19.58 20.76 -9.40
C GLU A 349 -19.48 19.33 -8.88
N PHE A 350 -20.30 19.01 -7.89
CA PHE A 350 -20.34 17.67 -7.33
C PHE A 350 -20.62 16.69 -8.46
N GLN A 351 -21.60 17.02 -9.30
CA GLN A 351 -21.95 16.15 -10.41
C GLN A 351 -20.79 15.99 -11.38
N GLU A 352 -20.05 17.07 -11.63
CA GLU A 352 -18.90 16.97 -12.53
C GLU A 352 -17.83 16.13 -11.86
N GLY A 353 -17.78 16.22 -10.53
CA GLY A 353 -16.80 15.44 -9.79
C GLY A 353 -17.02 13.95 -10.02
N LEU A 354 -18.29 13.53 -10.01
CA LEU A 354 -18.62 12.13 -10.22
C LEU A 354 -18.15 11.70 -11.60
N LYS A 355 -18.25 12.61 -12.55
CA LYS A 355 -17.81 12.33 -13.92
C LYS A 355 -16.33 11.94 -13.89
N ILE A 356 -15.58 12.67 -13.08
CA ILE A 356 -14.15 12.43 -12.92
C ILE A 356 -13.83 11.12 -12.24
N PHE A 357 -14.55 10.80 -11.17
CA PHE A 357 -14.29 9.57 -10.45
C PHE A 357 -14.99 8.32 -10.97
N PHE A 358 -16.02 8.50 -11.79
CA PHE A 358 -16.73 7.36 -12.35
C PHE A 358 -16.94 7.55 -13.85
N PRO A 359 -15.84 7.66 -14.60
CA PRO A 359 -15.82 7.85 -16.06
C PRO A 359 -16.75 6.99 -16.93
N GLY A 360 -16.55 5.68 -16.93
CA GLY A 360 -17.39 4.83 -17.77
C GLY A 360 -18.76 4.44 -17.22
N VAL A 361 -19.18 5.08 -16.14
CA VAL A 361 -20.46 4.77 -15.52
C VAL A 361 -21.64 5.46 -16.20
N SER A 362 -22.75 4.74 -16.30
CA SER A 362 -23.96 5.26 -16.92
C SER A 362 -24.48 6.49 -16.18
N GLU A 363 -25.38 7.22 -16.83
CA GLU A 363 -25.96 8.40 -16.21
C GLU A 363 -26.78 7.99 -14.98
N PHE A 364 -27.48 6.86 -15.09
CA PHE A 364 -28.29 6.36 -13.98
C PHE A 364 -27.37 5.96 -12.83
N GLY A 365 -26.24 5.36 -13.17
CA GLY A 365 -25.28 4.96 -12.15
C GLY A 365 -24.83 6.14 -11.31
N LYS A 366 -24.58 7.28 -11.95
CA LYS A 366 -24.13 8.46 -11.21
C LYS A 366 -25.26 9.11 -10.43
N GLU A 367 -26.48 9.04 -10.96
CA GLU A 367 -27.63 9.62 -10.28
C GLU A 367 -27.88 8.87 -8.96
N SER A 368 -27.71 7.55 -9.00
CA SER A 368 -27.92 6.73 -7.80
C SER A 368 -26.92 7.14 -6.72
N ILE A 369 -25.71 7.52 -7.13
CA ILE A 369 -24.71 7.96 -6.17
C ILE A 369 -25.22 9.26 -5.54
N LEU A 370 -25.62 10.20 -6.40
CA LEU A 370 -26.13 11.49 -5.94
C LEU A 370 -27.30 11.28 -4.99
N PHE A 371 -28.25 10.43 -5.39
CA PHE A 371 -29.43 10.16 -4.58
C PHE A 371 -29.07 9.63 -3.20
N HIS A 372 -28.16 8.66 -3.16
CA HIS A 372 -27.74 8.05 -1.91
C HIS A 372 -26.96 8.99 -1.00
N TYR A 373 -26.11 9.83 -1.59
CA TYR A 373 -25.29 10.75 -0.80
C TYR A 373 -25.77 12.18 -0.61
N THR A 374 -26.95 12.53 -1.12
CA THR A 374 -27.41 13.89 -0.97
C THR A 374 -28.68 14.11 -0.16
N ASP A 375 -29.09 13.11 0.61
CA ASP A 375 -30.28 13.27 1.45
C ASP A 375 -29.82 14.04 2.69
N TRP A 376 -29.65 15.34 2.50
CA TRP A 376 -29.20 16.27 3.54
C TRP A 376 -29.92 16.18 4.88
N VAL A 377 -29.13 16.16 5.96
CA VAL A 377 -29.65 16.07 7.32
C VAL A 377 -29.89 17.46 7.89
N GLN A 380 -28.96 23.83 2.69
CA GLN A 380 -28.79 24.31 4.05
C GLN A 380 -27.32 24.62 4.32
N ARG A 381 -26.57 23.60 4.74
CA ARG A 381 -25.14 23.75 5.02
C ARG A 381 -24.34 23.93 3.73
N PRO A 382 -23.47 24.94 3.68
CA PRO A 382 -22.65 25.22 2.49
C PRO A 382 -21.63 24.17 2.10
N GLU A 383 -21.22 23.32 3.03
CA GLU A 383 -20.22 22.29 2.72
C GLU A 383 -20.80 20.89 2.49
N ASN A 384 -22.11 20.79 2.33
CA ASN A 384 -22.75 19.49 2.10
C ASN A 384 -22.13 18.71 0.94
N TYR A 385 -22.06 19.34 -0.23
CA TYR A 385 -21.51 18.69 -1.42
C TYR A 385 -20.02 18.39 -1.34
N ARG A 386 -19.28 19.25 -0.65
CA ARG A 386 -17.83 19.04 -0.50
C ARG A 386 -17.58 17.77 0.30
N GLU A 387 -18.30 17.64 1.41
CA GLU A 387 -18.14 16.47 2.27
C GLU A 387 -18.72 15.21 1.64
N ALA A 388 -19.80 15.34 0.88
CA ALA A 388 -20.42 14.19 0.25
C ALA A 388 -19.51 13.57 -0.79
N LEU A 389 -18.85 14.42 -1.59
CA LEU A 389 -17.96 13.91 -2.62
C LEU A 389 -16.77 13.21 -2.01
N GLY A 390 -16.25 13.76 -0.92
CA GLY A 390 -15.12 13.14 -0.24
C GLY A 390 -15.50 11.76 0.25
N ASP A 391 -16.67 11.64 0.88
CA ASP A 391 -17.14 10.35 1.38
C ASP A 391 -17.42 9.38 0.25
N VAL A 392 -17.91 9.90 -0.87
CA VAL A 392 -18.19 9.06 -2.03
C VAL A 392 -16.89 8.38 -2.44
N VAL A 393 -15.84 9.18 -2.65
CA VAL A 393 -14.56 8.65 -3.07
C VAL A 393 -13.93 7.70 -2.04
N GLY A 394 -14.02 8.09 -0.77
CA GLY A 394 -13.47 7.26 0.28
C GLY A 394 -14.21 5.94 0.46
N ASP A 395 -15.54 6.00 0.50
CA ASP A 395 -16.35 4.80 0.70
C ASP A 395 -16.21 3.81 -0.45
N TYR A 396 -16.31 4.31 -1.66
CA TYR A 396 -16.21 3.49 -2.86
C TYR A 396 -14.83 2.86 -3.07
N ASN A 397 -13.79 3.67 -2.94
CA ASN A 397 -12.44 3.20 -3.18
C ASN A 397 -11.70 2.51 -2.02
N PHE A 398 -12.05 2.83 -0.78
CA PHE A 398 -11.31 2.23 0.32
C PHE A 398 -12.09 1.56 1.46
N ILE A 399 -12.90 2.34 2.15
CA ILE A 399 -13.63 1.85 3.30
C ILE A 399 -14.51 0.63 3.04
N CYS A 400 -15.45 0.73 2.11
CA CYS A 400 -16.32 -0.40 1.84
C CYS A 400 -15.57 -1.63 1.34
N PRO A 401 -14.57 -1.46 0.46
CA PRO A 401 -13.85 -2.66 0.00
C PRO A 401 -13.09 -3.32 1.16
N ALA A 402 -12.55 -2.50 2.07
CA ALA A 402 -11.82 -3.02 3.22
C ALA A 402 -12.76 -3.80 4.16
N LEU A 403 -13.94 -3.24 4.40
CA LEU A 403 -14.90 -3.89 5.28
C LEU A 403 -15.39 -5.19 4.67
N GLU A 404 -15.66 -5.16 3.37
CA GLU A 404 -16.14 -6.35 2.67
C GLU A 404 -15.08 -7.46 2.69
N PHE A 405 -13.83 -7.08 2.48
CA PHE A 405 -12.74 -8.04 2.51
C PHE A 405 -12.66 -8.69 3.90
N THR A 406 -12.76 -7.86 4.94
CA THR A 406 -12.70 -8.33 6.32
C THR A 406 -13.83 -9.29 6.64
N LYS A 407 -15.03 -8.93 6.20
CA LYS A 407 -16.20 -9.75 6.44
C LYS A 407 -16.01 -11.11 5.78
N LYS A 408 -15.71 -11.11 4.49
CA LYS A 408 -15.53 -12.36 3.77
C LYS A 408 -14.38 -13.20 4.28
N PHE A 409 -13.28 -12.55 4.64
CA PHE A 409 -12.12 -13.29 5.14
C PHE A 409 -12.43 -13.97 6.47
N SER A 410 -13.03 -13.24 7.40
CA SER A 410 -13.35 -13.80 8.71
C SER A 410 -14.39 -14.92 8.65
N GLU A 411 -15.22 -14.92 7.61
CA GLU A 411 -16.25 -15.95 7.49
C GLU A 411 -15.66 -17.36 7.43
N TRP A 412 -14.37 -17.47 7.15
CA TRP A 412 -13.76 -18.79 7.09
C TRP A 412 -13.04 -19.21 8.37
N GLY A 413 -13.40 -18.57 9.48
CA GLY A 413 -12.83 -18.97 10.76
C GLY A 413 -11.65 -18.24 11.36
N ASN A 414 -10.97 -17.42 10.60
CA ASN A 414 -9.82 -16.72 11.14
C ASN A 414 -10.15 -15.45 11.92
N ASN A 415 -9.39 -15.20 12.98
CA ASN A 415 -9.58 -13.99 13.78
C ASN A 415 -9.16 -12.79 12.93
N ALA A 416 -9.96 -11.73 12.98
CA ALA A 416 -9.66 -10.52 12.23
C ALA A 416 -9.96 -9.35 13.14
N PHE A 417 -9.17 -8.28 12.99
CA PHE A 417 -9.35 -7.07 13.80
C PHE A 417 -9.44 -5.88 12.85
N PHE A 418 -10.38 -4.98 13.13
CA PHE A 418 -10.58 -3.83 12.27
C PHE A 418 -10.49 -2.51 13.04
N TYR A 419 -9.80 -1.54 12.47
CA TYR A 419 -9.67 -0.25 13.12
C TYR A 419 -10.16 0.86 12.22
N TYR A 420 -10.53 1.97 12.85
CA TYR A 420 -11.02 3.16 12.16
C TYR A 420 -10.17 4.29 12.73
N PHE A 421 -9.19 4.73 11.95
CA PHE A 421 -8.26 5.78 12.35
C PHE A 421 -8.90 7.16 12.18
N GLU A 422 -9.12 7.86 13.28
CA GLU A 422 -9.75 9.18 13.20
C GLU A 422 -9.01 10.35 13.83
N HIS A 423 -7.68 10.30 13.85
CA HIS A 423 -6.93 11.41 14.40
C HIS A 423 -6.22 12.17 13.29
N ARG A 424 -6.37 13.49 13.26
CA ARG A 424 -5.69 14.30 12.25
C ARG A 424 -4.39 14.83 12.84
N SER A 425 -3.27 14.47 12.21
CA SER A 425 -1.95 14.90 12.67
C SER A 425 -1.90 16.42 12.91
N SER A 426 -1.36 16.81 14.05
CA SER A 426 -1.26 18.23 14.39
C SER A 426 -0.36 18.96 13.41
N LYS A 427 0.49 18.22 12.70
CA LYS A 427 1.43 18.81 11.75
C LYS A 427 1.02 18.63 10.28
N LEU A 428 -0.22 18.25 10.04
CA LEU A 428 -0.70 18.04 8.67
C LEU A 428 -0.63 19.33 7.85
N PRO A 429 0.06 19.30 6.69
CA PRO A 429 0.24 20.44 5.79
C PRO A 429 -1.02 20.78 4.99
N TRP A 430 -1.86 19.77 4.76
CA TRP A 430 -3.08 19.99 4.01
C TRP A 430 -4.10 20.74 4.88
N PRO A 431 -5.06 21.42 4.24
CA PRO A 431 -6.10 22.19 4.92
C PRO A 431 -7.04 21.35 5.79
N GLU A 432 -7.69 22.01 6.74
CA GLU A 432 -8.59 21.34 7.66
C GLU A 432 -9.77 20.60 7.04
N TRP A 433 -10.30 21.09 5.92
CA TRP A 433 -11.44 20.42 5.32
C TRP A 433 -11.13 19.03 4.80
N MET A 434 -9.85 18.68 4.69
CA MET A 434 -9.49 17.35 4.22
C MET A 434 -9.49 16.34 5.34
N GLY A 435 -9.59 16.83 6.58
CA GLY A 435 -9.64 15.96 7.75
C GLY A 435 -8.53 14.94 7.94
N VAL A 436 -8.92 13.73 8.36
CA VAL A 436 -8.01 12.60 8.62
C VAL A 436 -7.69 11.91 7.29
N MET A 437 -6.75 12.48 6.56
CA MET A 437 -6.37 12.01 5.24
C MET A 437 -5.77 10.64 5.04
N HIS A 438 -5.93 10.18 3.80
CA HIS A 438 -5.42 8.90 3.33
C HIS A 438 -3.89 8.94 3.46
N GLY A 439 -3.33 7.89 4.07
CA GLY A 439 -1.88 7.80 4.23
C GLY A 439 -1.27 8.48 5.44
N TYR A 440 -2.05 9.19 6.24
CA TYR A 440 -1.44 9.87 7.36
C TYR A 440 -1.53 9.19 8.71
N GLU A 441 -1.68 7.87 8.70
CA GLU A 441 -1.70 7.10 9.94
C GLU A 441 -0.36 6.39 9.93
N ILE A 442 0.25 6.34 8.75
CA ILE A 442 1.53 5.68 8.55
C ILE A 442 2.59 6.16 9.52
N GLU A 443 2.70 7.48 9.69
CA GLU A 443 3.69 8.03 10.60
C GLU A 443 3.47 7.54 12.03
N PHE A 444 2.22 7.26 12.40
CA PHE A 444 1.92 6.78 13.75
C PHE A 444 2.34 5.32 13.89
N VAL A 445 2.13 4.55 12.84
CA VAL A 445 2.50 3.14 12.84
C VAL A 445 4.03 3.00 12.94
N PHE A 446 4.75 3.84 12.21
CA PHE A 446 6.21 3.79 12.26
C PHE A 446 6.80 4.50 13.47
N GLY A 447 5.94 5.11 14.28
CA GLY A 447 6.41 5.74 15.49
C GLY A 447 7.17 7.04 15.41
N LEU A 448 6.90 7.86 14.39
CA LEU A 448 7.59 9.14 14.27
C LEU A 448 7.27 10.04 15.46
N PRO A 449 6.02 10.01 15.94
CA PRO A 449 5.65 10.85 17.08
C PRO A 449 6.41 10.51 18.36
N LEU A 450 7.03 9.34 18.41
CA LEU A 450 7.78 8.96 19.61
C LEU A 450 8.99 9.89 19.77
N GLU A 451 9.41 10.51 18.67
CA GLU A 451 10.53 11.43 18.66
C GLU A 451 10.05 12.81 19.12
N ARG A 452 10.40 13.19 20.34
CA ARG A 452 9.99 14.49 20.87
C ARG A 452 10.61 15.69 20.16
N ARG A 453 11.74 15.49 19.47
CA ARG A 453 12.41 16.58 18.75
C ARG A 453 11.46 17.22 17.76
N ASP A 454 10.33 16.56 17.49
CA ASP A 454 9.35 17.08 16.56
C ASP A 454 8.21 17.80 17.29
N TYR A 456 5.12 17.03 17.41
CA TYR A 456 3.86 16.39 17.74
C TYR A 456 3.48 16.67 19.19
N THR A 457 2.17 16.69 19.47
CA THR A 457 1.69 16.92 20.82
C THR A 457 2.01 15.71 21.68
N LYS A 458 1.72 15.80 22.97
CA LYS A 458 1.98 14.70 23.89
C LYS A 458 0.96 13.58 23.62
N ALA A 459 -0.27 14.00 23.31
CA ALA A 459 -1.33 13.06 23.04
C ALA A 459 -0.99 12.18 21.85
N GLU A 460 -0.36 12.77 20.83
CA GLU A 460 0.00 12.02 19.63
C GLU A 460 1.11 11.02 19.92
N GLU A 461 2.01 11.39 20.82
CA GLU A 461 3.11 10.51 21.21
C GLU A 461 2.52 9.25 21.86
N ILE A 462 1.57 9.48 22.75
CA ILE A 462 0.92 8.37 23.44
C ILE A 462 0.14 7.51 22.46
N LEU A 463 -0.59 8.15 21.54
CA LEU A 463 -1.36 7.40 20.54
C LEU A 463 -0.44 6.53 19.69
N SER A 464 0.67 7.08 19.24
CA SER A 464 1.63 6.34 18.42
C SER A 464 2.20 5.16 19.21
N ARG A 465 2.50 5.40 20.48
CA ARG A 465 3.06 4.36 21.33
C ARG A 465 2.06 3.21 21.44
N SER A 466 0.79 3.54 21.64
CA SER A 466 -0.23 2.50 21.74
C SER A 466 -0.35 1.69 20.44
N ILE A 467 -0.37 2.39 19.31
CA ILE A 467 -0.49 1.74 18.00
C ILE A 467 0.70 0.83 17.71
N VAL A 468 1.90 1.33 18.00
CA VAL A 468 3.13 0.58 17.79
C VAL A 468 3.08 -0.71 18.61
N LYS A 469 2.63 -0.60 19.86
CA LYS A 469 2.52 -1.77 20.73
C LYS A 469 1.48 -2.75 20.17
N ARG A 470 0.32 -2.24 19.79
CA ARG A 470 -0.73 -3.11 19.25
C ARG A 470 -0.26 -3.80 17.96
N TRP A 471 0.36 -3.04 17.06
CA TRP A 471 0.86 -3.63 15.80
C TRP A 471 1.92 -4.68 16.10
N ALA A 472 2.78 -4.40 17.06
CA ALA A 472 3.84 -5.33 17.43
C ALA A 472 3.26 -6.60 18.05
N ASN A 473 2.33 -6.43 19.00
CA ASN A 473 1.73 -7.60 19.62
C ASN A 473 0.99 -8.45 18.60
N PHE A 474 0.38 -7.81 17.61
CA PHE A 474 -0.30 -8.59 16.58
C PHE A 474 0.73 -9.39 15.79
N ALA A 475 1.85 -8.75 15.45
CA ALA A 475 2.90 -9.42 14.69
C ALA A 475 3.48 -10.59 15.48
N LYS A 476 3.80 -10.36 16.75
CA LYS A 476 4.37 -11.40 17.59
C LYS A 476 3.37 -12.46 18.04
N TYR A 477 2.17 -12.04 18.43
CA TYR A 477 1.20 -12.99 18.96
C TYR A 477 -0.15 -13.10 18.27
N GLY A 478 -0.36 -12.37 17.17
CA GLY A 478 -1.63 -12.44 16.48
C GLY A 478 -2.80 -11.84 17.25
N ASN A 479 -2.50 -10.98 18.23
CA ASN A 479 -3.54 -10.34 19.04
C ASN A 479 -3.14 -8.88 19.27
N PRO A 480 -3.81 -7.92 18.60
CA PRO A 480 -3.53 -6.48 18.71
C PRO A 480 -3.90 -5.76 20.00
N GLN A 481 -3.59 -6.37 21.13
CA GLN A 481 -3.91 -5.78 22.43
C GLN A 481 -2.76 -4.97 23.01
N GLU A 482 -3.11 -4.07 23.92
CA GLU A 482 -2.15 -3.26 24.66
C GLU A 482 -2.59 -3.68 26.05
N THR A 483 -1.88 -4.65 26.61
CA THR A 483 -2.26 -5.22 27.90
C THR A 483 -1.80 -4.59 29.22
N GLN A 484 -0.96 -3.57 29.18
CA GLN A 484 -0.48 -3.01 30.43
C GLN A 484 -1.10 -1.71 30.94
N ASN A 485 -1.46 -0.80 30.04
CA ASN A 485 -2.01 0.47 30.48
C ASN A 485 -3.52 0.61 30.47
N GLN A 486 -4.19 -0.38 31.03
CA GLN A 486 -5.65 -0.35 31.12
C GLN A 486 -6.24 0.20 29.82
N SER A 487 -5.90 -0.44 28.70
CA SER A 487 -6.39 -0.01 27.40
C SER A 487 -7.65 -0.77 27.03
N THR A 488 -8.42 -0.20 26.10
CA THR A 488 -9.64 -0.83 25.62
C THR A 488 -9.18 -2.12 24.93
N SER A 489 -9.93 -3.20 25.15
CA SER A 489 -9.59 -4.46 24.51
C SER A 489 -10.11 -4.40 23.08
N TRP A 490 -9.31 -4.89 22.14
CA TRP A 490 -9.71 -4.87 20.74
C TRP A 490 -10.44 -6.18 20.44
N PRO A 491 -11.75 -6.11 20.18
CA PRO A 491 -12.53 -7.31 19.89
C PRO A 491 -12.30 -7.82 18.49
N VAL A 492 -12.51 -9.11 18.32
CA VAL A 492 -12.37 -9.74 17.01
C VAL A 492 -13.54 -9.27 16.15
N PHE A 493 -13.30 -9.13 14.85
CA PHE A 493 -14.35 -8.69 13.92
C PHE A 493 -15.01 -9.93 13.36
N LYS A 494 -16.33 -10.01 13.52
CA LYS A 494 -17.11 -11.15 13.01
C LYS A 494 -18.22 -10.62 12.11
N SER A 495 -18.59 -11.40 11.10
CA SER A 495 -19.63 -11.03 10.14
C SER A 495 -20.95 -10.54 10.71
N THR A 496 -21.35 -11.09 11.85
CA THR A 496 -22.60 -10.71 12.48
C THR A 496 -22.50 -9.36 13.20
N GLU A 497 -21.74 -9.33 14.29
CA GLU A 497 -21.59 -8.14 15.08
C GLU A 497 -20.76 -7.03 14.42
N GLN A 498 -19.70 -7.41 13.71
CA GLN A 498 -18.85 -6.44 13.01
C GLN A 498 -18.28 -5.33 13.88
N LYS A 499 -17.71 -5.71 15.02
CA LYS A 499 -17.13 -4.71 15.91
C LYS A 499 -15.78 -4.26 15.40
N TYR A 500 -15.47 -2.99 15.61
CA TYR A 500 -14.20 -2.42 15.21
C TYR A 500 -13.73 -1.43 16.27
N LEU A 501 -12.46 -1.10 16.25
CA LEU A 501 -11.88 -0.20 17.24
C LEU A 501 -11.53 1.15 16.63
N THR A 502 -11.90 2.23 17.32
CA THR A 502 -11.54 3.55 16.80
C THR A 502 -10.25 3.98 17.48
N LEU A 503 -9.36 4.58 16.69
CA LEU A 503 -8.07 5.03 17.18
C LEU A 503 -8.01 6.55 17.13
N ASN A 504 -7.81 7.16 18.29
CA ASN A 504 -7.74 8.61 18.38
C ASN A 504 -7.09 9.00 19.70
N THR A 505 -6.89 10.30 19.94
CA THR A 505 -6.27 10.77 21.17
C THR A 505 -7.26 10.88 22.31
N GLU A 506 -8.46 11.32 22.00
CA GLU A 506 -9.52 11.48 23.01
C GLU A 506 -9.74 10.20 23.78
N SER A 507 -10.53 9.30 23.20
CA SER A 507 -10.83 8.02 23.83
C SER A 507 -11.12 6.95 22.78
N THR A 508 -10.48 5.78 22.93
CA THR A 508 -10.66 4.68 22.00
C THR A 508 -11.99 3.98 22.30
N ARG A 509 -12.74 3.65 21.26
CA ARG A 509 -14.02 3.01 21.47
C ARG A 509 -14.25 1.78 20.64
N ILE A 510 -15.22 0.98 21.08
CA ILE A 510 -15.63 -0.21 20.38
C ILE A 510 -16.96 0.17 19.73
N MET A 511 -16.98 0.18 18.40
N MET A 511 -16.98 0.18 18.40
CA MET A 511 -18.18 0.52 17.65
CA MET A 511 -18.18 0.52 17.65
C MET A 511 -18.56 -0.66 16.76
C MET A 511 -18.56 -0.66 16.76
N THR A 512 -19.72 -0.58 16.13
CA THR A 512 -20.17 -1.66 15.25
C THR A 512 -20.75 -1.19 13.93
N LYS A 513 -20.61 -2.03 12.91
CA LYS A 513 -21.13 -1.79 11.58
C LYS A 513 -20.78 -0.47 10.94
N LEU A 514 -19.49 -0.23 10.78
CA LEU A 514 -18.97 0.99 10.16
C LEU A 514 -19.56 1.22 8.76
N ARG A 515 -20.12 2.41 8.53
CA ARG A 515 -20.69 2.78 7.22
C ARG A 515 -21.69 1.77 6.70
N ALA A 516 -22.51 1.21 7.59
CA ALA A 516 -23.51 0.21 7.23
C ALA A 516 -24.36 0.58 6.00
N GLN A 517 -24.97 1.76 6.01
CA GLN A 517 -25.81 2.16 4.89
C GLN A 517 -25.02 2.41 3.60
N GLN A 518 -23.87 3.08 3.72
CA GLN A 518 -23.06 3.39 2.55
C GLN A 518 -22.46 2.17 1.88
N CYS A 519 -22.03 1.20 2.66
CA CYS A 519 -21.43 0.02 2.05
C CYS A 519 -22.47 -0.88 1.43
N ARG A 520 -23.68 -0.87 1.98
CA ARG A 520 -24.77 -1.67 1.43
C ARG A 520 -25.00 -1.17 0.01
N PHE A 521 -24.82 0.13 -0.18
CA PHE A 521 -24.99 0.76 -1.49
C PHE A 521 -23.87 0.35 -2.45
N TRP A 522 -22.62 0.48 -2.01
CA TRP A 522 -21.47 0.16 -2.83
C TRP A 522 -21.25 -1.33 -3.06
N THR A 523 -21.57 -2.13 -2.05
CA THR A 523 -21.36 -3.57 -2.14
C THR A 523 -22.50 -4.35 -2.78
N SER A 524 -23.73 -3.91 -2.60
CA SER A 524 -24.86 -4.63 -3.15
C SER A 524 -25.45 -4.05 -4.43
N PHE A 525 -25.83 -2.78 -4.39
CA PHE A 525 -26.43 -2.13 -5.54
C PHE A 525 -25.49 -1.74 -6.68
N PHE A 526 -24.65 -0.74 -6.45
CA PHE A 526 -23.73 -0.23 -7.45
C PHE A 526 -23.02 -1.21 -8.39
N PRO A 527 -22.53 -2.35 -7.86
CA PRO A 527 -21.84 -3.32 -8.72
C PRO A 527 -22.67 -3.83 -9.89
N LYS A 528 -23.96 -3.51 -9.88
CA LYS A 528 -24.87 -3.94 -10.93
C LYS A 528 -24.93 -2.96 -12.10
N VAL A 529 -25.01 -1.67 -11.79
CA VAL A 529 -25.10 -0.64 -12.82
C VAL A 529 -23.94 -0.72 -13.83
#